data_4RPA
#
_entry.id   4RPA
#
_cell.length_a   99.406
_cell.length_b   99.406
_cell.length_c   425.285
_cell.angle_alpha   90.00
_cell.angle_beta   90.00
_cell.angle_gamma   120.00
#
_symmetry.space_group_name_H-M   'P 61 2 2'
#
loop_
_entity.id
_entity.type
_entity.pdbx_description
1 polymer 'Probable manganese-dependent inorganic pyrophosphatase'
2 non-polymer 'MANGANESE (II) ION'
3 water water
#
_entity_poly.entity_id   1
_entity_poly.type   'polypeptide(L)'
_entity_poly.pdbx_seq_one_letter_code
;MAKTYIFGHKNPDTDAISSAIIMAEFEQLRGNSGAKAYRLGDVSAETQFALDTFNVPAPELLTDDLDGQDVILVDHNEFQ
QSSDTIASATIKHVIDHHRIANFETAGPL(OCS)YRAEPVGCTATILYKMFRERGFEIKPEIAGLMLSAIISDSLLFKSP
T(CSO)TQQDVKAAEELKDIAKVDIQKYGLDMLKAGASTTDKSVEFLLNMDAKSFTMGDYVTRIAQVNAVDLDEVLNRKE
DLEKEMLAVSAQEKYDLFVLVVTDIINSDSKILVVGAEKDKVGEAFNVQLEDDMAFLSGVVSRKKQIVPQITEALTKLEH
HHHHH
;
_entity_poly.pdbx_strand_id   A,B
#
# COMPACT_ATOMS: atom_id res chain seq x y z
N ALA A 2 -12.90 -0.59 -21.96
CA ALA A 2 -12.33 -1.03 -20.66
C ALA A 2 -13.31 -0.75 -19.52
N LYS A 3 -13.81 -1.80 -18.89
CA LYS A 3 -14.55 -1.66 -17.64
C LYS A 3 -13.55 -1.45 -16.51
N THR A 4 -13.96 -0.73 -15.47
CA THR A 4 -13.26 -0.84 -14.19
C THR A 4 -14.23 -1.09 -13.05
N TYR A 5 -13.95 -2.15 -12.30
CA TYR A 5 -14.79 -2.59 -11.21
C TYR A 5 -14.32 -1.88 -9.95
N ILE A 6 -15.26 -1.23 -9.27
CA ILE A 6 -14.97 -0.50 -8.06
C ILE A 6 -15.80 -1.09 -6.94
N PHE A 7 -15.16 -1.50 -5.85
CA PHE A 7 -15.88 -2.12 -4.74
C PHE A 7 -15.13 -2.07 -3.43
N GLY A 8 -15.90 -2.17 -2.34
CA GLY A 8 -15.38 -2.27 -0.99
C GLY A 8 -15.31 -3.73 -0.56
N HIS A 9 -15.21 -3.94 0.75
CA HIS A 9 -14.95 -5.27 1.32
C HIS A 9 -16.19 -6.15 1.40
N LYS A 10 -15.97 -7.44 1.61
CA LYS A 10 -17.05 -8.40 1.92
C LYS A 10 -17.75 -8.00 3.21
N ASN A 11 -19.02 -8.39 3.34
CA ASN A 11 -19.88 -7.93 4.43
C ASN A 11 -19.77 -6.41 4.56
N PRO A 12 -20.04 -5.70 3.44
CA PRO A 12 -19.80 -4.26 3.39
C PRO A 12 -20.51 -3.49 4.49
N ASP A 13 -19.81 -2.51 5.06
CA ASP A 13 -20.42 -1.54 5.95
C ASP A 13 -20.82 -0.30 5.12
N THR A 14 -21.37 0.73 5.78
CA THR A 14 -21.81 1.93 5.07
C THR A 14 -20.68 2.62 4.29
N ASP A 15 -19.49 2.68 4.90
CA ASP A 15 -18.29 3.21 4.24
C ASP A 15 -17.95 2.40 2.97
N ALA A 16 -18.04 1.08 3.05
CA ALA A 16 -17.71 0.19 1.93
C ALA A 16 -18.66 0.37 0.74
N ILE A 17 -19.95 0.49 1.03
CA ILE A 17 -20.96 0.69 -0.01
C ILE A 17 -20.87 2.12 -0.58
N SER A 18 -20.86 3.10 0.30
CA SER A 18 -20.80 4.51 -0.10
C SER A 18 -19.56 4.85 -0.91
N SER A 19 -18.39 4.46 -0.42
CA SER A 19 -17.13 4.75 -1.11
C SER A 19 -17.07 4.16 -2.52
N ALA A 20 -17.70 3.01 -2.73
CA ALA A 20 -17.76 2.42 -4.06
C ALA A 20 -18.55 3.32 -5.01
N ILE A 21 -19.71 3.77 -4.56
CA ILE A 21 -20.56 4.68 -5.35
C ILE A 21 -19.86 6.01 -5.58
N ILE A 22 -19.25 6.54 -4.52
CA ILE A 22 -18.57 7.83 -4.56
C ILE A 22 -17.37 7.79 -5.51
N MET A 23 -16.56 6.73 -5.43
CA MET A 23 -15.40 6.62 -6.32
C MET A 23 -15.81 6.39 -7.77
N ALA A 24 -16.92 5.69 -7.99
CA ALA A 24 -17.44 5.53 -9.35
C ALA A 24 -17.86 6.90 -9.93
N GLU A 25 -18.49 7.72 -9.11
CA GLU A 25 -18.80 9.10 -9.48
C GLU A 25 -17.51 9.85 -9.82
N PHE A 26 -16.51 9.76 -8.94
CA PHE A 26 -15.23 10.42 -9.15
C PHE A 26 -14.61 10.04 -10.48
N GLU A 27 -14.55 8.74 -10.76
CA GLU A 27 -13.99 8.25 -12.03
C GLU A 27 -14.75 8.76 -13.25
N GLN A 28 -16.07 8.78 -13.15
CA GLN A 28 -16.89 9.28 -14.26
C GLN A 28 -16.71 10.78 -14.51
N LEU A 29 -16.64 11.57 -13.43
CA LEU A 29 -16.38 13.00 -13.55
C LEU A 29 -14.97 13.27 -14.04
N ARG A 30 -14.07 12.32 -13.80
CA ARG A 30 -12.70 12.40 -14.27
C ARG A 30 -12.58 11.98 -15.74
N GLY A 31 -13.64 11.42 -16.31
CA GLY A 31 -13.67 11.05 -17.73
C GLY A 31 -13.61 9.55 -18.02
N ASN A 32 -13.58 8.73 -16.98
CA ASN A 32 -13.54 7.28 -17.13
C ASN A 32 -14.96 6.69 -17.11
N SER A 33 -15.57 6.57 -18.29
CA SER A 33 -16.98 6.20 -18.41
C SER A 33 -17.29 4.74 -18.14
N GLY A 34 -16.28 3.87 -18.21
CA GLY A 34 -16.45 2.45 -17.91
C GLY A 34 -16.45 2.09 -16.43
N ALA A 35 -16.22 3.09 -15.57
CA ALA A 35 -16.19 2.87 -14.12
C ALA A 35 -17.59 2.55 -13.58
N LYS A 36 -17.66 1.54 -12.71
CA LYS A 36 -18.94 1.09 -12.15
C LYS A 36 -18.74 0.59 -10.72
N ALA A 37 -19.69 0.94 -9.85
CA ALA A 37 -19.65 0.56 -8.45
C ALA A 37 -20.26 -0.82 -8.25
N TYR A 38 -19.69 -1.59 -7.33
CA TYR A 38 -20.23 -2.89 -6.97
C TYR A 38 -20.19 -3.10 -5.46
N ARG A 39 -20.90 -4.13 -5.02
CA ARG A 39 -20.82 -4.61 -3.64
C ARG A 39 -20.44 -6.10 -3.66
N LEU A 40 -19.87 -6.57 -2.56
CA LEU A 40 -19.46 -7.96 -2.42
C LEU A 40 -20.33 -8.70 -1.42
N GLY A 41 -21.40 -8.06 -0.95
CA GLY A 41 -22.28 -8.65 0.04
C GLY A 41 -23.58 -7.89 0.21
N ASP A 42 -24.32 -8.25 1.26
CA ASP A 42 -25.61 -7.64 1.54
C ASP A 42 -25.47 -6.19 1.97
N VAL A 43 -26.44 -5.36 1.60
CA VAL A 43 -26.55 -4.01 2.11
C VAL A 43 -27.22 -4.09 3.48
N SER A 44 -26.55 -3.56 4.50
CA SER A 44 -27.08 -3.62 5.85
C SER A 44 -28.26 -2.67 6.04
N ALA A 45 -28.91 -2.78 7.20
CA ALA A 45 -30.02 -1.91 7.56
C ALA A 45 -29.54 -0.46 7.73
N GLU A 46 -28.39 -0.28 8.38
CA GLU A 46 -27.82 1.05 8.55
C GLU A 46 -27.58 1.70 7.19
N THR A 47 -26.92 0.97 6.31
CA THR A 47 -26.60 1.47 4.98
C THR A 47 -27.87 1.72 4.15
N GLN A 48 -28.87 0.84 4.29
CA GLN A 48 -30.13 1.04 3.59
C GLN A 48 -30.81 2.35 3.99
N PHE A 49 -30.72 2.72 5.26
CA PHE A 49 -31.25 4.00 5.74
C PHE A 49 -30.62 5.17 5.00
N ALA A 50 -29.30 5.11 4.82
CA ALA A 50 -28.58 6.16 4.11
C ALA A 50 -28.96 6.20 2.63
N LEU A 51 -29.02 5.04 1.99
CA LEU A 51 -29.38 4.94 0.58
C LEU A 51 -30.80 5.46 0.33
N ASP A 52 -31.72 5.12 1.24
CA ASP A 52 -33.11 5.56 1.12
C ASP A 52 -33.25 7.07 1.35
N THR A 53 -32.53 7.59 2.34
CA THR A 53 -32.55 9.03 2.65
C THR A 53 -32.14 9.89 1.45
N PHE A 54 -31.09 9.48 0.75
CA PHE A 54 -30.57 10.28 -0.35
C PHE A 54 -30.94 9.71 -1.72
N ASN A 55 -31.83 8.72 -1.72
CA ASN A 55 -32.43 8.20 -2.94
C ASN A 55 -31.42 7.59 -3.92
N VAL A 56 -30.46 6.85 -3.39
CA VAL A 56 -29.42 6.22 -4.20
C VAL A 56 -29.65 4.71 -4.20
N PRO A 57 -29.67 4.09 -5.40
CA PRO A 57 -29.84 2.64 -5.43
C PRO A 57 -28.59 1.92 -4.94
N ALA A 58 -28.78 0.72 -4.39
CA ALA A 58 -27.66 -0.10 -3.96
C ALA A 58 -26.81 -0.46 -5.19
N PRO A 59 -25.49 -0.51 -5.03
CA PRO A 59 -24.66 -0.99 -6.13
C PRO A 59 -24.95 -2.45 -6.46
N GLU A 60 -24.64 -2.84 -7.69
CA GLU A 60 -24.81 -4.22 -8.16
C GLU A 60 -23.90 -5.19 -7.39
N LEU A 61 -24.42 -6.37 -7.09
CA LEU A 61 -23.62 -7.43 -6.48
C LEU A 61 -22.65 -7.96 -7.53
N LEU A 62 -21.37 -8.01 -7.19
CA LEU A 62 -20.35 -8.49 -8.11
C LEU A 62 -20.48 -10.00 -8.31
N THR A 63 -20.76 -10.42 -9.54
CA THR A 63 -20.76 -11.85 -9.90
C THR A 63 -19.78 -12.18 -11.02
N ASP A 64 -19.22 -11.15 -11.67
CA ASP A 64 -18.23 -11.35 -12.73
C ASP A 64 -16.90 -11.85 -12.18
N ASP A 65 -16.23 -12.68 -12.98
CA ASP A 65 -14.85 -13.06 -12.73
C ASP A 65 -13.96 -11.85 -13.02
N LEU A 66 -13.06 -11.53 -12.10
CA LEU A 66 -12.19 -10.35 -12.25
C LEU A 66 -10.88 -10.65 -12.99
N ASP A 67 -10.72 -11.87 -13.48
CA ASP A 67 -9.53 -12.27 -14.22
C ASP A 67 -9.22 -11.28 -15.35
N GLY A 68 -8.04 -10.67 -15.29
CA GLY A 68 -7.61 -9.69 -16.30
C GLY A 68 -8.39 -8.39 -16.34
N GLN A 69 -9.18 -8.10 -15.30
CA GLN A 69 -10.00 -6.88 -15.27
C GLN A 69 -9.35 -5.79 -14.44
N ASP A 70 -9.61 -4.54 -14.81
CA ASP A 70 -9.14 -3.38 -14.04
C ASP A 70 -10.02 -3.21 -12.81
N VAL A 71 -9.38 -3.00 -11.66
CA VAL A 71 -10.07 -2.95 -10.39
C VAL A 71 -9.60 -1.75 -9.56
N ILE A 72 -10.53 -1.12 -8.86
CA ILE A 72 -10.22 -0.13 -7.84
C ILE A 72 -10.83 -0.60 -6.53
N LEU A 73 -10.02 -0.66 -5.47
CA LEU A 73 -10.50 -1.08 -4.16
C LEU A 73 -10.70 0.15 -3.28
N VAL A 74 -11.82 0.18 -2.55
CA VAL A 74 -12.06 1.22 -1.55
C VAL A 74 -12.29 0.59 -0.17
N ASP A 75 -11.81 1.27 0.87
CA ASP A 75 -12.10 0.91 2.27
C ASP A 75 -11.53 -0.47 2.67
N HIS A 76 -10.67 -1.05 1.83
CA HIS A 76 -9.97 -2.29 2.16
C HIS A 76 -8.79 -2.51 1.23
N ASN A 77 -7.86 -3.35 1.67
CA ASN A 77 -6.78 -3.84 0.82
C ASN A 77 -6.48 -5.34 0.99
N GLU A 78 -6.70 -5.88 2.18
CA GLU A 78 -6.39 -7.29 2.45
C GLU A 78 -7.21 -8.17 1.52
N PHE A 79 -6.53 -9.04 0.79
CA PHE A 79 -7.15 -9.88 -0.24
C PHE A 79 -8.31 -10.75 0.30
N GLN A 80 -8.16 -11.26 1.52
CA GLN A 80 -9.21 -12.07 2.14
C GLN A 80 -10.46 -11.27 2.52
N GLN A 81 -10.36 -9.93 2.54
CA GLN A 81 -11.54 -9.07 2.67
C GLN A 81 -12.16 -8.72 1.32
N SER A 82 -11.51 -9.11 0.23
CA SER A 82 -11.89 -8.65 -1.10
C SER A 82 -12.62 -9.72 -1.90
N SER A 83 -12.77 -9.50 -3.20
CA SER A 83 -13.45 -10.44 -4.09
C SER A 83 -12.72 -11.79 -4.15
N ASP A 84 -13.50 -12.85 -4.36
CA ASP A 84 -12.95 -14.22 -4.50
C ASP A 84 -11.88 -14.32 -5.59
N THR A 85 -12.02 -13.52 -6.65
CA THR A 85 -11.08 -13.56 -7.76
C THR A 85 -10.11 -12.37 -7.80
N ILE A 86 -9.93 -11.69 -6.66
CA ILE A 86 -9.09 -10.48 -6.60
C ILE A 86 -7.66 -10.72 -7.08
N ALA A 87 -7.09 -11.87 -6.75
CA ALA A 87 -5.70 -12.19 -7.07
C ALA A 87 -5.45 -12.25 -8.58
N SER A 88 -6.49 -12.51 -9.36
CA SER A 88 -6.37 -12.53 -10.82
C SER A 88 -6.65 -11.17 -11.49
N ALA A 89 -7.02 -10.17 -10.70
CA ALA A 89 -7.32 -8.84 -11.25
C ALA A 89 -6.07 -7.97 -11.39
N THR A 90 -6.22 -6.87 -12.13
CA THR A 90 -5.20 -5.82 -12.19
C THR A 90 -5.70 -4.65 -11.34
N ILE A 91 -5.08 -4.47 -10.17
CA ILE A 91 -5.51 -3.43 -9.24
C ILE A 91 -4.88 -2.10 -9.65
N LYS A 92 -5.71 -1.19 -10.12
CA LYS A 92 -5.23 0.11 -10.63
C LYS A 92 -5.06 1.13 -9.52
N HIS A 93 -5.89 1.05 -8.49
CA HIS A 93 -6.05 2.11 -7.52
C HIS A 93 -6.59 1.53 -6.21
N VAL A 94 -6.00 1.93 -5.08
CA VAL A 94 -6.57 1.67 -3.76
C VAL A 94 -6.77 2.97 -3.00
N ILE A 95 -7.95 3.13 -2.39
CA ILE A 95 -8.23 4.25 -1.47
C ILE A 95 -8.70 3.66 -0.14
N ASP A 96 -7.99 3.93 0.95
CA ASP A 96 -8.24 3.20 2.19
C ASP A 96 -7.71 3.94 3.42
N HIS A 97 -8.24 3.57 4.59
CA HIS A 97 -7.82 4.17 5.86
C HIS A 97 -7.37 3.13 6.90
N HIS A 98 -7.01 1.92 6.43
CA HIS A 98 -6.70 0.81 7.33
C HIS A 98 -5.24 0.36 7.24
N ARG A 99 -4.86 -0.50 8.18
CA ARG A 99 -3.60 -1.22 8.11
C ARG A 99 -3.47 -1.94 6.77
N ILE A 100 -2.24 -2.20 6.35
CA ILE A 100 -1.98 -2.95 5.13
C ILE A 100 -1.50 -4.35 5.50
N ALA A 101 -2.04 -5.34 4.80
CA ALA A 101 -1.59 -6.74 4.95
C ALA A 101 -2.13 -7.55 3.79
N ASN A 102 -1.48 -8.68 3.50
CA ASN A 102 -1.96 -9.63 2.49
C ASN A 102 -2.36 -8.94 1.18
N PHE A 103 -1.47 -8.07 0.71
CA PHE A 103 -1.71 -7.29 -0.48
C PHE A 103 -0.48 -7.34 -1.36
N GLU A 104 -0.68 -7.73 -2.62
CA GLU A 104 0.41 -7.87 -3.56
C GLU A 104 -0.08 -7.56 -4.96
N THR A 105 0.74 -6.84 -5.73
CA THR A 105 0.45 -6.58 -7.14
C THR A 105 1.64 -7.00 -8.00
N ALA A 106 1.37 -7.23 -9.29
CA ALA A 106 2.43 -7.53 -10.26
C ALA A 106 3.28 -6.30 -10.55
N GLY A 107 2.61 -5.15 -10.73
CA GLY A 107 3.28 -3.90 -11.08
C GLY A 107 2.81 -2.68 -10.30
N PRO A 108 3.29 -1.49 -10.68
CA PRO A 108 2.93 -0.23 -10.01
C PRO A 108 1.44 0.09 -10.04
N LEU A 109 1.00 0.95 -9.13
CA LEU A 109 -0.41 1.37 -9.05
C LEU A 109 -0.54 2.66 -8.26
N TYR A 111 -1.83 4.16 -5.02
CA TYR A 111 -2.25 3.73 -3.68
C TYR A 111 -2.30 4.94 -2.78
N ARG A 112 -3.49 5.23 -2.23
CA ARG A 112 -3.65 6.36 -1.33
C ARG A 112 -4.30 5.93 -0.04
N ALA A 113 -3.49 5.83 1.01
CA ALA A 113 -4.02 5.59 2.34
C ALA A 113 -3.68 6.77 3.23
N GLU A 114 -4.63 7.15 4.08
CA GLU A 114 -4.40 8.19 5.06
C GLU A 114 -4.96 7.71 6.39
N PRO A 115 -4.28 8.03 7.49
CA PRO A 115 -4.74 7.55 8.80
C PRO A 115 -5.90 8.37 9.37
N VAL A 116 -6.99 8.48 8.62
CA VAL A 116 -8.17 9.21 9.03
C VAL A 116 -9.28 8.22 9.41
N GLY A 117 -10.40 8.73 9.89
CA GLY A 117 -11.48 7.88 10.39
C GLY A 117 -12.36 7.19 9.36
N CYS A 118 -12.23 7.54 8.10
CA CYS A 118 -13.19 7.10 7.08
C CYS A 118 -12.62 7.23 5.66
N THR A 119 -12.89 6.25 4.81
CA THR A 119 -12.45 6.29 3.41
C THR A 119 -13.10 7.45 2.64
N ALA A 120 -14.37 7.73 2.95
CA ALA A 120 -15.11 8.79 2.27
C ALA A 120 -14.48 10.17 2.51
N THR A 121 -13.85 10.35 3.68
CA THR A 121 -13.09 11.56 3.96
C THR A 121 -11.96 11.76 2.94
N ILE A 122 -11.26 10.68 2.60
CA ILE A 122 -10.18 10.74 1.62
C ILE A 122 -10.76 11.05 0.24
N LEU A 123 -11.86 10.38 -0.10
CA LEU A 123 -12.55 10.64 -1.36
C LEU A 123 -13.05 12.09 -1.44
N TYR A 124 -13.58 12.61 -0.32
CA TYR A 124 -13.96 14.03 -0.26
C TYR A 124 -12.80 14.93 -0.65
N LYS A 125 -11.63 14.68 -0.05
CA LYS A 125 -10.43 15.44 -0.37
C LYS A 125 -10.04 15.34 -1.85
N MET A 126 -10.20 14.16 -2.43
CA MET A 126 -9.90 13.94 -3.85
C MET A 126 -10.83 14.75 -4.76
N PHE A 127 -12.12 14.73 -4.46
CA PHE A 127 -13.09 15.59 -5.18
C PHE A 127 -12.66 17.04 -5.11
N ARG A 128 -12.33 17.49 -3.91
CA ARG A 128 -11.89 18.86 -3.61
C ARG A 128 -10.68 19.23 -4.46
N GLU A 129 -9.65 18.40 -4.38
CA GLU A 129 -8.39 18.60 -5.10
C GLU A 129 -8.61 18.78 -6.60
N ARG A 130 -9.52 18.01 -7.17
CA ARG A 130 -9.78 18.05 -8.61
C ARG A 130 -10.86 19.08 -9.00
N GLY A 131 -11.55 19.64 -8.02
CA GLY A 131 -12.61 20.59 -8.27
C GLY A 131 -13.86 20.00 -8.90
N PHE A 132 -14.08 18.70 -8.67
CA PHE A 132 -15.26 18.02 -9.21
C PHE A 132 -16.50 18.36 -8.41
N GLU A 133 -17.64 18.32 -9.08
CA GLU A 133 -18.93 18.51 -8.44
C GLU A 133 -19.14 17.47 -7.34
N ILE A 134 -19.64 17.94 -6.20
CA ILE A 134 -20.13 17.06 -5.14
C ILE A 134 -21.65 17.20 -5.09
N LYS A 135 -22.35 16.33 -5.81
CA LYS A 135 -23.81 16.32 -5.82
C LYS A 135 -24.35 16.13 -4.41
N PRO A 136 -25.60 16.56 -4.16
CA PRO A 136 -26.21 16.40 -2.84
C PRO A 136 -26.26 14.94 -2.36
N GLU A 137 -26.64 14.02 -3.24
CA GLU A 137 -26.69 12.58 -2.89
C GLU A 137 -25.29 12.10 -2.51
N ILE A 138 -24.30 12.50 -3.32
CA ILE A 138 -22.91 12.11 -3.10
C ILE A 138 -22.41 12.65 -1.77
N ALA A 139 -22.73 13.91 -1.48
CA ALA A 139 -22.42 14.51 -0.19
C ALA A 139 -23.09 13.74 0.96
N GLY A 140 -24.33 13.29 0.72
CA GLY A 140 -25.07 12.50 1.71
C GLY A 140 -24.38 11.19 2.03
N LEU A 141 -23.91 10.49 1.00
CA LEU A 141 -23.22 9.22 1.18
C LEU A 141 -21.87 9.41 1.87
N MET A 142 -21.13 10.45 1.48
CA MET A 142 -19.88 10.79 2.16
C MET A 142 -20.13 11.02 3.65
N LEU A 143 -21.14 11.83 3.95
CA LEU A 143 -21.47 12.18 5.33
C LEU A 143 -21.92 10.95 6.12
N SER A 144 -22.74 10.11 5.47
CA SER A 144 -23.21 8.86 6.06
C SER A 144 -22.06 7.95 6.43
N ALA A 145 -21.12 7.80 5.50
CA ALA A 145 -19.92 7.00 5.72
C ALA A 145 -19.14 7.51 6.94
N ILE A 146 -18.91 8.81 6.98
CA ILE A 146 -18.15 9.44 8.07
C ILE A 146 -18.83 9.23 9.42
N ILE A 147 -20.14 9.44 9.46
CA ILE A 147 -20.90 9.24 10.69
C ILE A 147 -20.85 7.77 11.11
N SER A 148 -20.98 6.87 10.13
CA SER A 148 -20.95 5.43 10.39
C SER A 148 -19.60 4.96 10.93
N ASP A 149 -18.52 5.20 10.19
CA ASP A 149 -17.18 4.77 10.61
C ASP A 149 -16.75 5.43 11.93
N SER A 150 -17.09 6.70 12.14
CA SER A 150 -16.67 7.43 13.34
C SER A 150 -17.62 7.26 14.53
N LEU A 151 -18.80 6.69 14.28
CA LEU A 151 -19.82 6.53 15.30
C LEU A 151 -20.21 7.90 15.88
N LEU A 152 -20.64 8.78 14.97
CA LEU A 152 -20.96 10.16 15.34
C LEU A 152 -19.78 10.78 16.11
N PHE A 153 -18.58 10.62 15.53
CA PHE A 153 -17.35 11.28 15.98
C PHE A 153 -16.87 10.88 17.38
N LYS A 154 -17.08 9.62 17.74
CA LYS A 154 -16.66 9.12 19.05
C LYS A 154 -15.59 8.02 19.01
N SER A 155 -15.37 7.41 17.85
CA SER A 155 -14.42 6.28 17.75
C SER A 155 -12.98 6.78 17.83
N PRO A 156 -12.06 5.92 18.30
CA PRO A 156 -10.65 6.31 18.39
C PRO A 156 -9.99 6.63 17.05
N THR A 157 -10.60 6.17 15.96
CA THR A 157 -10.07 6.44 14.62
C THR A 157 -10.44 7.84 14.08
N THR A 159 -10.73 11.70 13.31
CA THR A 159 -9.80 12.84 13.32
C THR A 159 -10.54 14.13 12.98
N GLN A 160 -9.88 15.26 13.18
CA GLN A 160 -10.48 16.56 12.86
C GLN A 160 -10.75 16.73 11.37
N GLN A 161 -9.97 16.09 10.52
CA GLN A 161 -10.24 16.08 9.09
C GLN A 161 -11.60 15.49 8.79
N ASP A 162 -11.98 14.46 9.53
CA ASP A 162 -13.31 13.85 9.40
C ASP A 162 -14.42 14.81 9.86
N VAL A 163 -14.20 15.46 11.01
CA VAL A 163 -15.15 16.45 11.54
C VAL A 163 -15.31 17.59 10.53
N LYS A 164 -14.19 18.14 10.09
CA LYS A 164 -14.20 19.27 9.16
C LYS A 164 -14.90 18.93 7.85
N ALA A 165 -14.61 17.75 7.30
CA ALA A 165 -15.27 17.29 6.10
C ALA A 165 -16.79 17.21 6.27
N ALA A 166 -17.21 16.64 7.39
CA ALA A 166 -18.64 16.50 7.71
C ALA A 166 -19.34 17.87 7.83
N GLU A 167 -18.70 18.82 8.52
CA GLU A 167 -19.27 20.16 8.65
C GLU A 167 -19.46 20.84 7.30
N GLU A 168 -18.49 20.66 6.40
CA GLU A 168 -18.57 21.25 5.06
C GLU A 168 -19.58 20.54 4.16
N LEU A 169 -19.88 19.28 4.45
CA LEU A 169 -20.80 18.47 3.62
C LEU A 169 -22.28 18.59 4.00
N LYS A 170 -22.57 18.93 5.25
CA LYS A 170 -23.96 18.88 5.73
C LYS A 170 -24.92 19.81 4.96
N ASP A 171 -24.44 20.98 4.55
CA ASP A 171 -25.29 21.92 3.80
C ASP A 171 -25.47 21.52 2.35
N ILE A 172 -24.51 20.76 1.81
CA ILE A 172 -24.65 20.22 0.45
C ILE A 172 -25.65 19.07 0.48
N ALA A 173 -25.53 18.20 1.48
CA ALA A 173 -26.46 17.08 1.66
C ALA A 173 -27.84 17.51 2.19
N LYS A 174 -27.91 18.68 2.84
CA LYS A 174 -29.16 19.20 3.40
C LYS A 174 -29.61 18.34 4.57
N VAL A 175 -28.76 18.26 5.60
CA VAL A 175 -28.98 17.31 6.68
C VAL A 175 -28.37 17.83 7.97
N ASP A 176 -29.06 17.59 9.08
CA ASP A 176 -28.53 17.87 10.41
C ASP A 176 -27.73 16.67 10.87
N ILE A 177 -26.46 16.90 11.19
CA ILE A 177 -25.52 15.80 11.47
C ILE A 177 -25.99 14.93 12.63
N GLN A 178 -26.30 15.56 13.77
CA GLN A 178 -26.70 14.83 14.96
C GLN A 178 -28.03 14.09 14.81
N LYS A 179 -29.01 14.76 14.22
CA LYS A 179 -30.35 14.19 14.07
C LYS A 179 -30.35 13.05 13.05
N TYR A 180 -29.87 13.32 11.83
CA TYR A 180 -29.76 12.29 10.82
C TYR A 180 -28.83 11.17 11.28
N GLY A 181 -27.69 11.56 11.84
CA GLY A 181 -26.68 10.62 12.30
C GLY A 181 -27.21 9.60 13.28
N LEU A 182 -27.94 10.07 14.29
CA LEU A 182 -28.45 9.18 15.33
C LEU A 182 -29.54 8.26 14.75
N ASP A 183 -30.40 8.81 13.89
CA ASP A 183 -31.39 8.01 13.17
C ASP A 183 -30.74 6.92 12.34
N MET A 184 -29.65 7.26 11.65
CA MET A 184 -28.95 6.30 10.82
C MET A 184 -28.38 5.18 11.67
N LEU A 185 -27.66 5.55 12.74
CA LEU A 185 -27.07 4.59 13.65
C LEU A 185 -28.11 3.69 14.29
N LYS A 186 -29.21 4.28 14.75
CA LYS A 186 -30.33 3.50 15.30
C LYS A 186 -30.90 2.51 14.28
N ALA A 187 -30.98 2.92 13.02
CA ALA A 187 -31.51 2.04 11.97
C ALA A 187 -30.71 0.74 11.81
N GLY A 188 -29.45 0.72 12.24
CA GLY A 188 -28.64 -0.51 12.22
C GLY A 188 -28.34 -1.10 13.59
N ALA A 189 -29.18 -0.81 14.58
CA ALA A 189 -28.89 -1.22 15.97
C ALA A 189 -29.92 -2.20 16.57
N SER A 190 -30.80 -2.74 15.74
CA SER A 190 -31.80 -3.70 16.19
C SER A 190 -31.17 -5.09 16.18
N THR A 191 -31.01 -5.71 17.36
CA THR A 191 -30.32 -7.02 17.46
C THR A 191 -31.14 -8.19 18.04
N THR A 192 -32.04 -7.91 18.96
CA THR A 192 -32.70 -8.95 19.77
C THR A 192 -33.52 -9.96 18.95
N ASP A 193 -34.12 -9.52 17.86
CA ASP A 193 -34.89 -10.44 17.00
C ASP A 193 -34.04 -11.09 15.91
N LYS A 194 -32.73 -10.83 15.92
CA LYS A 194 -31.84 -11.41 14.92
C LYS A 194 -31.11 -12.64 15.45
N SER A 195 -30.82 -13.55 14.53
CA SER A 195 -30.10 -14.77 14.84
C SER A 195 -28.65 -14.46 15.17
N VAL A 196 -28.04 -15.38 15.92
CA VAL A 196 -26.62 -15.33 16.22
C VAL A 196 -25.80 -15.37 14.94
N GLU A 197 -26.24 -16.17 13.97
CA GLU A 197 -25.54 -16.30 12.70
C GLU A 197 -25.52 -14.96 11.97
N PHE A 198 -26.67 -14.28 11.96
CA PHE A 198 -26.77 -12.95 11.34
C PHE A 198 -25.85 -11.95 12.02
N LEU A 199 -25.89 -11.91 13.34
CA LEU A 199 -25.09 -10.92 14.09
C LEU A 199 -23.59 -11.08 13.88
N LEU A 200 -23.12 -12.33 13.78
CA LEU A 200 -21.69 -12.60 13.64
C LEU A 200 -21.18 -12.47 12.20
N ASN A 201 -22.08 -12.33 11.24
CA ASN A 201 -21.73 -12.14 9.82
C ASN A 201 -22.12 -10.77 9.25
N MET A 202 -22.74 -9.94 10.08
CA MET A 202 -23.30 -8.66 9.61
C MET A 202 -22.22 -7.70 9.13
N ASP A 203 -21.26 -7.44 10.01
CA ASP A 203 -20.12 -6.59 9.71
C ASP A 203 -18.89 -7.32 10.25
N ALA A 204 -18.41 -8.29 9.47
CA ALA A 204 -17.36 -9.19 9.91
C ALA A 204 -16.31 -9.39 8.83
N LYS A 205 -15.05 -9.28 9.24
CA LYS A 205 -13.91 -9.29 8.31
C LYS A 205 -12.79 -10.16 8.87
N SER A 206 -12.02 -10.75 7.96
CA SER A 206 -10.83 -11.50 8.33
C SER A 206 -9.58 -10.62 8.20
N PHE A 207 -8.58 -10.90 9.04
CA PHE A 207 -7.35 -10.14 9.08
C PHE A 207 -6.12 -11.07 9.08
N THR A 208 -5.10 -10.68 8.32
CA THR A 208 -3.82 -11.38 8.32
C THR A 208 -2.90 -10.67 9.31
N MET A 209 -2.59 -11.35 10.41
CA MET A 209 -1.78 -10.79 11.48
C MET A 209 -0.60 -11.71 11.73
N GLY A 210 0.54 -11.39 11.10
CA GLY A 210 1.71 -12.25 11.17
C GLY A 210 1.40 -13.65 10.68
N ASP A 211 1.61 -14.65 11.52
CA ASP A 211 1.34 -16.04 11.16
C ASP A 211 -0.13 -16.43 11.30
N TYR A 212 -0.96 -15.52 11.82
CA TYR A 212 -2.33 -15.85 12.18
C TYR A 212 -3.36 -15.20 11.26
N VAL A 213 -4.56 -15.80 11.24
CA VAL A 213 -5.72 -15.23 10.60
C VAL A 213 -6.77 -15.03 11.68
N THR A 214 -7.23 -13.78 11.84
CA THR A 214 -8.21 -13.45 12.86
C THR A 214 -9.50 -12.92 12.24
N ARG A 215 -10.62 -13.29 12.84
CA ARG A 215 -11.93 -12.84 12.41
C ARG A 215 -12.40 -11.81 13.42
N ILE A 216 -12.91 -10.68 12.92
CA ILE A 216 -13.48 -9.66 13.80
C ILE A 216 -14.85 -9.24 13.29
N ALA A 217 -15.88 -9.45 14.12
CA ALA A 217 -17.24 -9.01 13.84
C ALA A 217 -17.58 -7.78 14.68
N GLN A 218 -18.38 -6.88 14.11
CA GLN A 218 -18.81 -5.65 14.78
C GLN A 218 -20.33 -5.63 14.87
N VAL A 219 -20.84 -5.37 16.07
CA VAL A 219 -22.28 -5.25 16.28
C VAL A 219 -22.60 -3.97 17.04
N ASN A 220 -23.43 -3.13 16.44
CA ASN A 220 -23.97 -1.95 17.12
C ASN A 220 -25.26 -2.31 17.85
N ALA A 221 -25.47 -1.72 19.03
CA ALA A 221 -26.72 -1.88 19.77
C ALA A 221 -27.02 -0.63 20.60
N VAL A 222 -28.26 -0.52 21.09
CA VAL A 222 -28.60 0.57 22.01
C VAL A 222 -28.17 0.25 23.44
N ASP A 223 -27.84 -1.02 23.68
CA ASP A 223 -27.42 -1.48 25.00
C ASP A 223 -26.49 -2.70 24.83
N LEU A 224 -25.33 -2.66 25.48
CA LEU A 224 -24.35 -3.73 25.34
C LEU A 224 -24.90 -5.08 25.79
N ASP A 225 -25.64 -5.08 26.89
CA ASP A 225 -26.20 -6.32 27.43
C ASP A 225 -27.25 -6.96 26.52
N GLU A 226 -27.95 -6.17 25.70
CA GLU A 226 -28.86 -6.72 24.67
C GLU A 226 -28.21 -7.85 23.90
N VAL A 227 -26.95 -7.64 23.53
CA VAL A 227 -26.18 -8.61 22.77
C VAL A 227 -25.47 -9.55 23.75
N LEU A 228 -24.79 -8.99 24.73
CA LEU A 228 -23.84 -9.75 25.55
C LEU A 228 -24.43 -10.80 26.51
N ASN A 229 -25.71 -10.76 26.85
CA ASN A 229 -26.25 -11.92 27.59
C ASN A 229 -26.72 -13.06 26.70
N ARG A 230 -26.49 -12.94 25.39
CA ARG A 230 -26.55 -14.09 24.48
C ARG A 230 -25.14 -14.70 24.29
N LYS A 231 -24.21 -14.29 25.14
CA LYS A 231 -22.80 -14.71 25.13
C LYS A 231 -22.59 -16.19 24.81
N GLU A 232 -23.31 -17.05 25.52
CA GLU A 232 -23.12 -18.49 25.37
C GLU A 232 -23.40 -18.96 23.94
N ASP A 233 -24.51 -18.50 23.37
CA ASP A 233 -24.84 -18.86 21.99
C ASP A 233 -23.87 -18.22 21.00
N LEU A 234 -23.47 -16.98 21.29
CA LEU A 234 -22.47 -16.28 20.48
C LEU A 234 -21.15 -17.07 20.44
N GLU A 235 -20.60 -17.36 21.62
CA GLU A 235 -19.33 -18.10 21.74
C GLU A 235 -19.37 -19.41 20.97
N LYS A 236 -20.47 -20.14 21.12
CA LYS A 236 -20.66 -21.42 20.47
C LYS A 236 -20.53 -21.29 18.95
N GLU A 237 -21.19 -20.26 18.39
CA GLU A 237 -21.13 -20.05 16.95
C GLU A 237 -19.75 -19.53 16.52
N MET A 238 -19.14 -18.69 17.36
CA MET A 238 -17.81 -18.15 17.06
C MET A 238 -16.74 -19.25 17.03
N LEU A 239 -16.85 -20.21 17.95
CA LEU A 239 -15.96 -21.37 17.97
C LEU A 239 -16.21 -22.29 16.76
N ALA A 240 -17.48 -22.54 16.45
CA ALA A 240 -17.84 -23.38 15.31
C ALA A 240 -17.28 -22.83 14.00
N VAL A 241 -17.46 -21.53 13.78
CA VAL A 241 -16.95 -20.87 12.58
C VAL A 241 -15.43 -20.87 12.56
N SER A 242 -14.80 -20.63 13.71
CA SER A 242 -13.34 -20.65 13.82
C SER A 242 -12.75 -22.00 13.38
N ALA A 243 -13.37 -23.09 13.81
CA ALA A 243 -12.94 -24.43 13.39
C ALA A 243 -13.17 -24.63 11.90
N GLN A 244 -14.36 -24.25 11.43
CA GLN A 244 -14.72 -24.47 10.04
C GLN A 244 -13.89 -23.65 9.06
N GLU A 245 -13.47 -22.44 9.46
CA GLU A 245 -12.70 -21.56 8.59
C GLU A 245 -11.21 -21.50 8.97
N LYS A 246 -10.80 -22.27 9.96
CA LYS A 246 -9.40 -22.30 10.44
C LYS A 246 -8.91 -20.94 10.94
N TYR A 247 -9.78 -20.20 11.62
CA TYR A 247 -9.36 -18.95 12.26
C TYR A 247 -8.59 -19.25 13.53
N ASP A 248 -7.61 -18.41 13.84
CA ASP A 248 -6.83 -18.51 15.06
C ASP A 248 -7.46 -17.74 16.19
N LEU A 249 -8.41 -16.86 15.85
CA LEU A 249 -9.04 -15.97 16.80
C LEU A 249 -10.33 -15.42 16.20
N PHE A 250 -11.37 -15.30 17.02
CA PHE A 250 -12.62 -14.66 16.60
C PHE A 250 -12.96 -13.64 17.68
N VAL A 251 -12.99 -12.36 17.30
CA VAL A 251 -13.35 -11.28 18.20
C VAL A 251 -14.69 -10.69 17.80
N LEU A 252 -15.60 -10.55 18.77
CA LEU A 252 -16.85 -9.82 18.57
C LEU A 252 -16.72 -8.48 19.29
N VAL A 253 -16.86 -7.39 18.56
CA VAL A 253 -16.90 -6.06 19.16
C VAL A 253 -18.35 -5.61 19.23
N VAL A 254 -18.83 -5.37 20.44
CA VAL A 254 -20.18 -4.85 20.63
C VAL A 254 -20.05 -3.39 21.05
N THR A 255 -20.79 -2.51 20.37
CA THR A 255 -20.71 -1.07 20.61
C THR A 255 -22.09 -0.45 20.87
N ASP A 256 -22.19 0.27 21.97
CA ASP A 256 -23.41 1.01 22.31
C ASP A 256 -23.42 2.32 21.51
N ILE A 257 -24.43 2.51 20.67
CA ILE A 257 -24.50 3.71 19.79
C ILE A 257 -24.85 5.00 20.55
N ILE A 258 -25.68 4.90 21.59
CA ILE A 258 -26.06 6.06 22.41
C ILE A 258 -24.89 6.45 23.32
N ASN A 259 -24.21 5.43 23.84
CA ASN A 259 -23.20 5.57 24.88
C ASN A 259 -21.77 5.69 24.34
N SER A 260 -21.51 5.04 23.20
CA SER A 260 -20.18 4.95 22.59
C SER A 260 -19.23 3.97 23.27
N ASP A 261 -19.73 3.25 24.29
CA ASP A 261 -18.92 2.24 24.98
C ASP A 261 -18.83 0.98 24.14
N SER A 262 -17.67 0.32 24.20
CA SER A 262 -17.46 -0.93 23.49
C SER A 262 -16.84 -1.99 24.40
N LYS A 263 -17.26 -3.23 24.19
CA LYS A 263 -16.62 -4.39 24.81
C LYS A 263 -16.31 -5.42 23.73
N ILE A 264 -15.39 -6.33 24.04
CA ILE A 264 -15.03 -7.41 23.13
C ILE A 264 -15.22 -8.79 23.80
N LEU A 265 -15.78 -9.71 23.02
CA LEU A 265 -15.93 -11.10 23.40
C LEU A 265 -15.00 -11.89 22.49
N VAL A 266 -14.09 -12.67 23.07
CA VAL A 266 -13.01 -13.28 22.31
C VAL A 266 -12.94 -14.79 22.51
N VAL A 267 -12.71 -15.49 21.40
CA VAL A 267 -12.70 -16.93 21.32
C VAL A 267 -11.51 -17.35 20.45
N GLY A 268 -11.02 -18.58 20.64
CA GLY A 268 -10.09 -19.20 19.70
C GLY A 268 -8.72 -19.59 20.24
N ALA A 269 -7.93 -20.23 19.39
CA ALA A 269 -6.60 -20.74 19.73
C ALA A 269 -5.70 -19.73 20.42
N GLU A 270 -5.71 -18.48 19.96
CA GLU A 270 -4.82 -17.45 20.48
C GLU A 270 -5.50 -16.53 21.50
N LYS A 271 -6.60 -17.00 22.08
CA LYS A 271 -7.43 -16.23 23.01
C LYS A 271 -6.63 -15.63 24.18
N ASP A 272 -5.90 -16.50 24.88
CA ASP A 272 -5.18 -16.11 26.10
C ASP A 272 -4.12 -15.05 25.84
N LYS A 273 -3.51 -15.12 24.66
CA LYS A 273 -2.46 -14.20 24.27
C LYS A 273 -2.99 -12.78 24.11
N VAL A 274 -4.17 -12.64 23.49
CA VAL A 274 -4.77 -11.30 23.31
C VAL A 274 -5.41 -10.83 24.61
N GLY A 275 -5.91 -11.76 25.41
CA GLY A 275 -6.45 -11.45 26.74
C GLY A 275 -5.49 -10.65 27.60
N GLU A 276 -4.19 -10.95 27.51
CA GLU A 276 -3.18 -10.21 28.25
C GLU A 276 -3.11 -8.73 27.87
N ALA A 277 -3.43 -8.41 26.62
CA ALA A 277 -3.43 -7.03 26.14
C ALA A 277 -4.66 -6.22 26.54
N PHE A 278 -5.68 -6.87 27.11
CA PHE A 278 -6.94 -6.20 27.47
C PHE A 278 -7.30 -6.38 28.93
N ASN A 279 -8.20 -5.52 29.41
CA ASN A 279 -8.78 -5.64 30.75
C ASN A 279 -9.85 -6.72 30.76
N VAL A 280 -9.48 -7.92 31.19
CA VAL A 280 -10.40 -9.06 31.22
C VAL A 280 -11.34 -8.94 32.41
N GLN A 281 -12.64 -9.02 32.15
CA GLN A 281 -13.66 -8.89 33.18
C GLN A 281 -14.42 -10.20 33.43
N LEU A 282 -14.42 -11.11 32.45
CA LEU A 282 -15.09 -12.40 32.56
C LEU A 282 -14.32 -13.42 31.71
N GLU A 283 -14.05 -14.61 32.25
CA GLU A 283 -13.21 -15.58 31.54
C GLU A 283 -13.59 -17.05 31.80
N ASP A 284 -13.29 -17.90 30.82
CA ASP A 284 -13.43 -19.35 30.96
C ASP A 284 -12.70 -20.07 29.82
N ASP A 285 -12.82 -21.40 29.76
CA ASP A 285 -12.22 -22.20 28.68
C ASP A 285 -12.69 -21.77 27.28
N MET A 286 -13.98 -21.42 27.15
CA MET A 286 -14.52 -20.98 25.87
C MET A 286 -13.99 -19.59 25.44
N ALA A 287 -14.15 -18.59 26.31
CA ALA A 287 -13.96 -17.21 25.91
C ALA A 287 -13.53 -16.28 27.05
N PHE A 288 -13.12 -15.07 26.69
CA PHE A 288 -13.03 -13.97 27.67
C PHE A 288 -13.85 -12.77 27.20
N LEU A 289 -14.35 -12.01 28.18
CA LEU A 289 -15.15 -10.82 27.93
C LEU A 289 -14.42 -9.65 28.58
N SER A 290 -14.15 -8.60 27.82
CA SER A 290 -13.46 -7.44 28.35
C SER A 290 -14.41 -6.55 29.15
N GLY A 291 -13.84 -5.72 30.01
CA GLY A 291 -14.55 -4.56 30.55
C GLY A 291 -14.70 -3.56 29.42
N VAL A 292 -15.27 -2.39 29.70
CA VAL A 292 -15.49 -1.41 28.64
C VAL A 292 -14.12 -0.95 28.17
N VAL A 293 -13.93 -0.95 26.86
CA VAL A 293 -12.62 -0.77 26.26
C VAL A 293 -12.23 0.71 26.26
N SER A 294 -10.92 0.96 26.25
CA SER A 294 -10.38 2.32 26.15
C SER A 294 -10.97 3.08 24.97
N ARG A 295 -11.37 4.32 25.20
CA ARG A 295 -11.96 5.17 24.17
C ARG A 295 -10.93 5.62 23.12
N LYS A 296 -9.65 5.67 23.52
CA LYS A 296 -8.60 6.23 22.66
C LYS A 296 -7.80 5.20 21.85
N LYS A 297 -7.64 3.98 22.38
CA LYS A 297 -6.86 2.95 21.70
C LYS A 297 -7.66 2.25 20.59
N GLN A 298 -6.99 1.95 19.48
CA GLN A 298 -7.62 1.22 18.37
C GLN A 298 -7.52 -0.28 18.61
N ILE A 299 -8.61 -1.00 18.34
CA ILE A 299 -8.69 -2.42 18.68
C ILE A 299 -7.86 -3.30 17.74
N VAL A 300 -8.00 -3.06 16.44
CA VAL A 300 -7.32 -3.91 15.44
C VAL A 300 -5.79 -3.90 15.60
N PRO A 301 -5.17 -2.71 15.70
CA PRO A 301 -3.73 -2.70 15.92
C PRO A 301 -3.34 -3.32 17.26
N GLN A 302 -4.16 -3.13 18.28
CA GLN A 302 -3.89 -3.69 19.61
C GLN A 302 -3.87 -5.22 19.56
N ILE A 303 -4.85 -5.80 18.86
CA ILE A 303 -4.89 -7.25 18.68
C ILE A 303 -3.67 -7.74 17.89
N THR A 304 -3.36 -7.04 16.78
CA THR A 304 -2.22 -7.39 15.94
C THR A 304 -0.92 -7.42 16.73
N GLU A 305 -0.71 -6.41 17.58
CA GLU A 305 0.51 -6.32 18.40
C GLU A 305 0.58 -7.45 19.42
N ALA A 306 -0.58 -7.83 19.98
CA ALA A 306 -0.64 -8.92 20.95
C ALA A 306 -0.28 -10.26 20.31
N LEU A 307 -0.64 -10.44 19.04
CA LEU A 307 -0.35 -11.68 18.33
C LEU A 307 1.07 -11.75 17.74
N THR A 308 1.60 -10.59 17.36
CA THR A 308 2.92 -10.54 16.71
C THR A 308 4.03 -10.26 17.71
N LYS A 309 3.88 -9.20 18.50
CA LYS A 309 4.85 -8.84 19.52
C LYS A 309 4.75 -9.76 20.73
N ALA B 2 11.57 12.79 19.56
CA ALA B 2 10.83 11.84 18.68
C ALA B 2 11.52 11.70 17.32
N LYS B 3 12.44 10.74 17.22
CA LYS B 3 13.14 10.46 15.97
C LYS B 3 12.21 9.82 14.94
N THR B 4 12.41 10.16 13.67
CA THR B 4 11.85 9.36 12.59
C THR B 4 12.92 9.11 11.52
N TYR B 5 13.14 7.83 11.25
CA TYR B 5 14.16 7.38 10.33
C TYR B 5 13.56 7.36 8.93
N ILE B 6 14.21 8.03 7.99
CA ILE B 6 13.76 8.05 6.60
C ILE B 6 14.84 7.42 5.72
N PHE B 7 14.46 6.38 4.97
CA PHE B 7 15.44 5.69 4.12
C PHE B 7 14.83 4.98 2.92
N GLY B 8 15.69 4.74 1.92
CA GLY B 8 15.35 3.97 0.74
C GLY B 8 15.76 2.52 0.89
N HIS B 9 15.82 1.80 -0.23
CA HIS B 9 16.07 0.35 -0.24
C HIS B 9 17.54 -0.01 -0.07
N LYS B 10 17.79 -1.28 0.22
CA LYS B 10 19.15 -1.83 0.22
C LYS B 10 19.76 -1.72 -1.18
N ASN B 11 21.09 -1.73 -1.25
CA ASN B 11 21.81 -1.44 -2.49
C ASN B 11 21.20 -0.22 -3.20
N PRO B 12 21.14 0.92 -2.48
CA PRO B 12 20.40 2.07 -2.96
C PRO B 12 20.85 2.59 -4.33
N ASP B 13 19.88 2.93 -5.17
CA ASP B 13 20.16 3.65 -6.41
C ASP B 13 20.13 5.16 -6.13
N THR B 14 20.22 5.98 -7.18
CA THR B 14 20.20 7.44 -7.00
C THR B 14 18.85 7.91 -6.47
N ASP B 15 17.77 7.33 -6.97
CA ASP B 15 16.42 7.64 -6.47
C ASP B 15 16.31 7.37 -4.97
N ALA B 16 16.82 6.23 -4.52
CA ALA B 16 16.73 5.84 -3.11
C ALA B 16 17.51 6.78 -2.19
N ILE B 17 18.69 7.21 -2.63
CA ILE B 17 19.51 8.14 -1.84
C ILE B 17 18.86 9.53 -1.83
N SER B 18 18.57 10.03 -3.03
CA SER B 18 18.00 11.37 -3.19
C SER B 18 16.67 11.52 -2.45
N SER B 19 15.75 10.58 -2.68
CA SER B 19 14.41 10.63 -2.09
C SER B 19 14.42 10.66 -0.56
N ALA B 20 15.38 9.97 0.05
CA ALA B 20 15.51 9.99 1.51
C ALA B 20 15.86 11.40 1.99
N ILE B 21 16.81 12.03 1.30
CA ILE B 21 17.23 13.40 1.60
C ILE B 21 16.11 14.39 1.29
N ILE B 22 15.45 14.21 0.15
CA ILE B 22 14.36 15.09 -0.26
C ILE B 22 13.19 15.02 0.73
N MET B 23 12.89 13.83 1.21
CA MET B 23 11.78 13.63 2.15
C MET B 23 12.13 14.14 3.54
N ALA B 24 13.38 14.04 3.93
CA ALA B 24 13.84 14.60 5.20
C ALA B 24 13.67 16.13 5.20
N GLU B 25 14.03 16.75 4.08
CA GLU B 25 13.79 18.19 3.88
C GLU B 25 12.31 18.49 4.00
N PHE B 26 11.48 17.75 3.26
CA PHE B 26 10.02 17.91 3.31
C PHE B 26 9.48 17.88 4.73
N GLU B 27 9.95 16.93 5.53
CA GLU B 27 9.52 16.77 6.91
C GLU B 27 9.97 17.92 7.80
N GLN B 28 11.22 18.33 7.68
CA GLN B 28 11.74 19.51 8.39
C GLN B 28 10.89 20.72 8.04
N LEU B 29 10.66 20.91 6.76
CA LEU B 29 9.83 21.98 6.22
C LEU B 29 8.38 21.90 6.74
N ARG B 30 7.88 20.68 6.94
CA ARG B 30 6.53 20.47 7.46
C ARG B 30 6.42 20.75 8.97
N GLY B 31 7.57 20.82 9.64
CA GLY B 31 7.61 21.09 11.08
C GLY B 31 8.15 19.94 11.88
N ASN B 32 8.33 18.79 11.23
CA ASN B 32 8.88 17.60 11.89
C ASN B 32 10.39 17.69 12.01
N SER B 33 10.87 18.06 13.20
CA SER B 33 12.27 18.38 13.41
C SER B 33 13.16 17.17 13.73
N GLY B 34 12.56 16.08 14.21
CA GLY B 34 13.33 14.86 14.49
C GLY B 34 13.54 13.95 13.28
N ALA B 35 13.15 14.43 12.10
CA ALA B 35 13.26 13.66 10.86
C ALA B 35 14.69 13.70 10.31
N LYS B 36 15.19 12.54 9.91
CA LYS B 36 16.55 12.42 9.40
C LYS B 36 16.65 11.39 8.26
N ALA B 37 17.49 11.69 7.26
CA ALA B 37 17.71 10.81 6.13
C ALA B 37 18.81 9.79 6.42
N TYR B 38 18.64 8.58 5.89
CA TYR B 38 19.62 7.50 6.05
C TYR B 38 19.78 6.73 4.75
N ARG B 39 20.77 5.86 4.71
CA ARG B 39 20.94 4.91 3.62
C ARG B 39 21.17 3.52 4.22
N LEU B 40 20.84 2.49 3.45
CA LEU B 40 21.02 1.11 3.91
C LEU B 40 22.19 0.39 3.23
N GLY B 41 22.89 1.09 2.35
CA GLY B 41 24.03 0.50 1.65
C GLY B 41 24.98 1.52 1.05
N ASP B 42 25.80 1.07 0.12
CA ASP B 42 26.84 1.90 -0.49
C ASP B 42 26.24 2.93 -1.44
N VAL B 43 26.93 4.06 -1.59
CA VAL B 43 26.60 5.06 -2.59
C VAL B 43 27.28 4.67 -3.90
N SER B 44 26.52 4.55 -4.97
CA SER B 44 27.08 4.14 -6.25
C SER B 44 27.86 5.28 -6.91
N ALA B 45 28.63 4.94 -7.93
CA ALA B 45 29.37 5.92 -8.72
C ALA B 45 28.44 6.93 -9.37
N GLU B 46 27.27 6.48 -9.83
CA GLU B 46 26.30 7.37 -10.44
C GLU B 46 25.77 8.37 -9.42
N THR B 47 25.35 7.85 -8.27
CA THR B 47 24.80 8.67 -7.20
C THR B 47 25.83 9.66 -6.66
N GLN B 48 27.07 9.19 -6.52
CA GLN B 48 28.16 10.03 -6.03
C GLN B 48 28.39 11.23 -6.96
N PHE B 49 28.28 11.00 -8.27
CA PHE B 49 28.40 12.09 -9.24
C PHE B 49 27.37 13.18 -8.99
N ALA B 50 26.14 12.78 -8.69
CA ALA B 50 25.06 13.74 -8.40
C ALA B 50 25.31 14.45 -7.07
N LEU B 51 25.71 13.71 -6.05
CA LEU B 51 26.01 14.28 -4.74
C LEU B 51 27.13 15.32 -4.84
N ASP B 52 28.15 15.03 -5.65
CA ASP B 52 29.27 15.94 -5.85
C ASP B 52 28.86 17.18 -6.66
N THR B 53 28.04 16.98 -7.68
CA THR B 53 27.57 18.07 -8.51
C THR B 53 26.81 19.13 -7.70
N PHE B 54 26.08 18.71 -6.67
CA PHE B 54 25.26 19.63 -5.86
C PHE B 54 25.71 19.74 -4.40
N ASN B 55 26.93 19.30 -4.13
CA ASN B 55 27.55 19.47 -2.81
C ASN B 55 26.72 18.93 -1.63
N VAL B 56 26.03 17.83 -1.87
CA VAL B 56 25.24 17.18 -0.84
C VAL B 56 26.06 16.01 -0.28
N PRO B 57 26.24 15.96 1.05
CA PRO B 57 26.93 14.79 1.61
C PRO B 57 26.03 13.55 1.58
N ALA B 58 26.65 12.38 1.64
CA ALA B 58 25.91 11.12 1.65
C ALA B 58 25.20 10.95 2.99
N PRO B 59 23.94 10.45 2.97
CA PRO B 59 23.23 10.20 4.22
C PRO B 59 23.96 9.20 5.10
N GLU B 60 23.70 9.25 6.40
CA GLU B 60 24.32 8.33 7.34
C GLU B 60 23.86 6.90 7.06
N LEU B 61 24.78 5.96 7.22
CA LEU B 61 24.46 4.54 7.11
C LEU B 61 23.68 4.12 8.34
N LEU B 62 22.48 3.58 8.13
CA LEU B 62 21.61 3.20 9.22
C LEU B 62 22.21 2.00 9.97
N THR B 63 22.54 2.22 11.25
CA THR B 63 23.03 1.15 12.11
C THR B 63 22.16 0.91 13.36
N ASP B 64 21.21 1.81 13.63
CA ASP B 64 20.35 1.69 14.81
C ASP B 64 19.27 0.63 14.61
N ASP B 65 18.91 -0.04 15.71
CA ASP B 65 17.77 -0.94 15.73
C ASP B 65 16.49 -0.10 15.61
N LEU B 66 15.61 -0.48 14.69
CA LEU B 66 14.37 0.27 14.46
C LEU B 66 13.22 -0.19 15.37
N ASP B 67 13.50 -1.10 16.30
CA ASP B 67 12.49 -1.57 17.24
C ASP B 67 11.78 -0.41 17.93
N GLY B 68 10.47 -0.30 17.70
CA GLY B 68 9.65 0.73 18.32
C GLY B 68 9.84 2.12 17.77
N GLN B 69 10.56 2.27 16.66
CA GLN B 69 10.89 3.58 16.11
C GLN B 69 9.97 3.94 14.95
N ASP B 70 9.75 5.25 14.77
CA ASP B 70 8.97 5.76 13.65
C ASP B 70 9.82 5.74 12.39
N VAL B 71 9.22 5.26 11.30
CA VAL B 71 9.93 5.07 10.04
C VAL B 71 9.13 5.66 8.89
N ILE B 72 9.84 6.23 7.92
CA ILE B 72 9.26 6.59 6.63
C ILE B 72 10.07 5.92 5.52
N LEU B 73 9.39 5.19 4.65
CA LEU B 73 10.06 4.52 3.54
C LEU B 73 9.89 5.31 2.26
N VAL B 74 10.97 5.44 1.50
CA VAL B 74 10.93 6.02 0.16
C VAL B 74 11.46 5.02 -0.88
N ASP B 75 10.86 5.02 -2.06
CA ASP B 75 11.34 4.25 -3.22
C ASP B 75 11.35 2.72 -3.00
N HIS B 76 10.65 2.25 -1.96
CA HIS B 76 10.41 0.82 -1.75
C HIS B 76 9.33 0.58 -0.71
N ASN B 77 8.87 -0.67 -0.65
CA ASN B 77 7.97 -1.12 0.41
C ASN B 77 8.23 -2.57 0.86
N GLU B 78 8.62 -3.44 -0.07
CA GLU B 78 8.84 -4.86 0.25
C GLU B 78 9.86 -4.99 1.38
N PHE B 79 9.52 -5.74 2.41
CA PHE B 79 10.36 -5.82 3.62
C PHE B 79 11.76 -6.40 3.36
N GLN B 80 11.91 -7.29 2.38
CA GLN B 80 13.23 -7.88 2.09
C GLN B 80 14.15 -6.84 1.44
N GLN B 81 13.58 -5.76 0.91
CA GLN B 81 14.36 -4.65 0.35
C GLN B 81 14.72 -3.58 1.38
N SER B 82 14.18 -3.69 2.60
CA SER B 82 14.29 -2.63 3.61
C SER B 82 15.29 -3.00 4.69
N SER B 83 15.29 -2.23 5.78
CA SER B 83 16.16 -2.50 6.93
C SER B 83 15.96 -3.89 7.51
N ASP B 84 17.02 -4.44 8.10
CA ASP B 84 16.97 -5.74 8.76
C ASP B 84 15.97 -5.78 9.92
N THR B 85 15.70 -4.62 10.52
CA THR B 85 14.77 -4.54 11.66
C THR B 85 13.42 -3.89 11.31
N ILE B 86 13.12 -3.79 10.01
CA ILE B 86 11.90 -3.10 9.56
C ILE B 86 10.62 -3.66 10.16
N ALA B 87 10.58 -4.97 10.40
CA ALA B 87 9.40 -5.62 10.97
C ALA B 87 9.07 -5.15 12.39
N SER B 88 10.09 -4.69 13.12
CA SER B 88 9.90 -4.19 14.48
C SER B 88 9.57 -2.70 14.54
N ALA B 89 9.62 -2.01 13.39
CA ALA B 89 9.40 -0.56 13.36
C ALA B 89 7.93 -0.19 13.27
N THR B 90 7.65 1.10 13.40
CA THR B 90 6.33 1.65 13.15
C THR B 90 6.39 2.50 11.90
N ILE B 91 5.82 1.99 10.81
CA ILE B 91 5.88 2.67 9.52
C ILE B 91 4.77 3.72 9.43
N LYS B 92 5.17 4.99 9.44
CA LYS B 92 4.25 6.11 9.45
C LYS B 92 3.81 6.52 8.04
N HIS B 93 4.74 6.40 7.09
CA HIS B 93 4.56 6.96 5.76
C HIS B 93 5.37 6.14 4.76
N VAL B 94 4.79 5.87 3.60
CA VAL B 94 5.53 5.31 2.47
C VAL B 94 5.27 6.18 1.24
N ILE B 95 6.34 6.53 0.53
CA ILE B 95 6.22 7.17 -0.78
C ILE B 95 6.99 6.33 -1.78
N ASP B 96 6.34 5.91 -2.86
CA ASP B 96 6.92 4.90 -3.74
C ASP B 96 6.26 4.87 -5.12
N HIS B 97 6.95 4.26 -6.08
CA HIS B 97 6.44 4.14 -7.45
C HIS B 97 6.46 2.68 -7.95
N HIS B 98 6.50 1.72 -7.03
CA HIS B 98 6.66 0.31 -7.37
C HIS B 98 5.45 -0.54 -7.01
N ARG B 99 5.46 -1.77 -7.51
CA ARG B 99 4.53 -2.81 -7.05
C ARG B 99 4.62 -2.95 -5.54
N ILE B 100 3.56 -3.50 -4.95
CA ILE B 100 3.52 -3.76 -3.52
C ILE B 100 3.52 -5.27 -3.26
N ALA B 101 4.29 -5.68 -2.25
CA ALA B 101 4.34 -7.06 -1.81
C ALA B 101 5.08 -7.11 -0.49
N ASN B 102 4.85 -8.16 0.29
CA ASN B 102 5.61 -8.39 1.52
C ASN B 102 5.66 -7.14 2.39
N PHE B 103 4.49 -6.52 2.57
CA PHE B 103 4.34 -5.31 3.37
C PHE B 103 3.15 -5.50 4.29
N GLU B 104 3.36 -5.30 5.58
CA GLU B 104 2.31 -5.44 6.56
C GLU B 104 2.55 -4.51 7.73
N THR B 105 1.47 -3.89 8.21
CA THR B 105 1.52 -3.00 9.37
C THR B 105 0.48 -3.44 10.39
N ALA B 106 0.71 -3.06 11.64
CA ALA B 106 -0.24 -3.30 12.71
C ALA B 106 -1.46 -2.40 12.58
N GLY B 107 -1.22 -1.14 12.22
CA GLY B 107 -2.29 -0.14 12.14
C GLY B 107 -2.23 0.76 10.91
N PRO B 108 -3.16 1.73 10.83
CA PRO B 108 -3.23 2.67 9.72
C PRO B 108 -1.95 3.47 9.49
N LEU B 109 -1.79 3.98 8.27
CA LEU B 109 -0.62 4.81 7.93
C LEU B 109 -0.92 5.67 6.71
N TYR B 111 0.08 6.20 3.02
CA TYR B 111 0.75 5.48 1.94
C TYR B 111 0.44 6.20 0.64
N ARG B 112 1.49 6.65 -0.05
CA ARG B 112 1.31 7.33 -1.33
C ARG B 112 2.17 6.67 -2.41
N ALA B 113 1.54 5.90 -3.27
CA ALA B 113 2.19 5.38 -4.46
C ALA B 113 1.51 5.94 -5.70
N GLU B 114 2.31 6.29 -6.70
CA GLU B 114 1.78 6.71 -8.00
C GLU B 114 2.55 5.97 -9.09
N PRO B 115 1.88 5.59 -10.19
CA PRO B 115 2.57 4.87 -11.26
C PRO B 115 3.37 5.79 -12.18
N VAL B 116 4.39 6.43 -11.62
CA VAL B 116 5.25 7.36 -12.37
C VAL B 116 6.66 6.78 -12.45
N GLY B 117 7.53 7.44 -13.21
CA GLY B 117 8.89 6.95 -13.42
C GLY B 117 9.84 7.03 -12.24
N CYS B 118 9.50 7.80 -11.21
CA CYS B 118 10.47 8.12 -10.17
C CYS B 118 9.79 8.55 -8.87
N THR B 119 10.35 8.16 -7.72
CA THR B 119 9.85 8.58 -6.42
C THR B 119 10.00 10.10 -6.24
N ALA B 120 11.12 10.65 -6.73
CA ALA B 120 11.39 12.08 -6.60
C ALA B 120 10.32 12.91 -7.31
N THR B 121 9.75 12.39 -8.39
CA THR B 121 8.64 13.04 -9.06
C THR B 121 7.45 13.20 -8.11
N ILE B 122 7.17 12.16 -7.32
CA ILE B 122 6.08 12.22 -6.33
C ILE B 122 6.43 13.20 -5.22
N LEU B 123 7.67 13.17 -4.75
CA LEU B 123 8.10 14.09 -3.71
C LEU B 123 8.04 15.54 -4.21
N TYR B 124 8.44 15.75 -5.46
CA TYR B 124 8.31 17.06 -6.10
C TYR B 124 6.86 17.55 -6.08
N LYS B 125 5.92 16.67 -6.39
CA LYS B 125 4.50 17.01 -6.36
C LYS B 125 4.04 17.37 -4.95
N MET B 126 4.58 16.69 -3.95
CA MET B 126 4.28 17.01 -2.56
C MET B 126 4.78 18.40 -2.17
N PHE B 127 5.94 18.81 -2.69
CA PHE B 127 6.45 20.17 -2.48
C PHE B 127 5.52 21.20 -3.15
N ARG B 128 5.18 20.95 -4.42
CA ARG B 128 4.30 21.84 -5.19
C ARG B 128 2.93 22.01 -4.52
N GLU B 129 2.30 20.87 -4.22
CA GLU B 129 1.01 20.85 -3.52
C GLU B 129 1.02 21.67 -2.23
N ARG B 130 2.10 21.52 -1.46
CA ARG B 130 2.22 22.20 -0.16
C ARG B 130 2.71 23.64 -0.27
N GLY B 131 3.12 24.05 -1.47
CA GLY B 131 3.67 25.39 -1.68
C GLY B 131 5.00 25.61 -1.01
N PHE B 132 5.79 24.53 -0.86
CA PHE B 132 7.09 24.62 -0.21
C PHE B 132 8.16 25.09 -1.19
N GLU B 133 9.17 25.78 -0.66
CA GLU B 133 10.28 26.27 -1.47
C GLU B 133 11.22 25.11 -1.78
N ILE B 134 11.55 24.95 -3.06
CA ILE B 134 12.52 23.94 -3.48
C ILE B 134 13.90 24.58 -3.65
N LYS B 135 14.78 24.35 -2.68
CA LYS B 135 16.18 24.77 -2.75
C LYS B 135 16.87 24.18 -3.99
N PRO B 136 17.90 24.87 -4.51
CA PRO B 136 18.61 24.38 -5.71
C PRO B 136 19.35 23.04 -5.52
N GLU B 137 19.78 22.74 -4.29
CA GLU B 137 20.43 21.46 -4.00
C GLU B 137 19.38 20.35 -4.04
N ILE B 138 18.25 20.62 -3.39
CA ILE B 138 17.10 19.72 -3.40
C ILE B 138 16.61 19.50 -4.83
N ALA B 139 16.46 20.59 -5.59
CA ALA B 139 16.04 20.50 -6.98
C ALA B 139 17.00 19.65 -7.82
N GLY B 140 18.29 19.72 -7.50
CA GLY B 140 19.31 18.92 -8.19
C GLY B 140 19.19 17.43 -7.92
N LEU B 141 18.95 17.08 -6.65
CA LEU B 141 18.74 15.69 -6.26
C LEU B 141 17.49 15.12 -6.93
N MET B 142 16.38 15.86 -6.85
CA MET B 142 15.16 15.49 -7.54
C MET B 142 15.41 15.19 -9.02
N LEU B 143 16.07 16.13 -9.69
CA LEU B 143 16.36 16.02 -11.12
C LEU B 143 17.25 14.82 -11.41
N SER B 144 18.24 14.60 -10.54
CA SER B 144 19.17 13.48 -10.69
C SER B 144 18.44 12.14 -10.62
N ALA B 145 17.65 11.98 -9.56
CA ALA B 145 16.79 10.81 -9.39
C ALA B 145 15.92 10.57 -10.62
N ILE B 146 15.26 11.63 -11.11
CA ILE B 146 14.38 11.50 -12.27
C ILE B 146 15.16 11.08 -13.54
N ILE B 147 16.33 11.67 -13.73
CA ILE B 147 17.17 11.30 -14.87
C ILE B 147 17.63 9.84 -14.73
N SER B 148 18.04 9.48 -13.51
CA SER B 148 18.49 8.12 -13.21
C SER B 148 17.42 7.05 -13.46
N ASP B 149 16.29 7.14 -12.74
CA ASP B 149 15.19 6.16 -12.87
C ASP B 149 14.63 6.13 -14.30
N SER B 150 14.57 7.29 -14.96
CA SER B 150 13.99 7.36 -16.32
C SER B 150 15.02 7.08 -17.42
N LEU B 151 16.30 7.09 -17.06
CA LEU B 151 17.39 6.90 -18.02
C LEU B 151 17.30 7.99 -19.09
N LEU B 152 17.30 9.24 -18.62
CA LEU B 152 17.13 10.41 -19.49
C LEU B 152 15.87 10.29 -20.35
N PHE B 153 14.77 9.93 -19.68
CA PHE B 153 13.41 9.92 -20.24
C PHE B 153 13.17 8.93 -21.37
N LYS B 154 13.79 7.75 -21.30
CA LYS B 154 13.58 6.72 -22.31
C LYS B 154 13.09 5.35 -21.78
N SER B 155 13.02 5.18 -20.47
CA SER B 155 12.58 3.91 -19.90
C SER B 155 11.05 3.77 -20.02
N PRO B 156 10.54 2.53 -20.01
CA PRO B 156 9.09 2.32 -20.10
C PRO B 156 8.29 2.94 -18.94
N THR B 157 8.92 3.12 -17.79
CA THR B 157 8.26 3.70 -16.62
C THR B 157 8.10 5.22 -16.70
N THR B 159 6.97 8.91 -17.48
CA THR B 159 5.71 9.56 -17.81
C THR B 159 5.92 11.05 -18.06
N GLN B 160 4.90 11.70 -18.62
CA GLN B 160 4.95 13.14 -18.86
C GLN B 160 5.07 13.95 -17.57
N GLN B 161 4.59 13.39 -16.45
CA GLN B 161 4.77 14.02 -15.15
C GLN B 161 6.24 14.08 -14.76
N ASP B 162 7.01 13.05 -15.11
CA ASP B 162 8.44 13.02 -14.84
C ASP B 162 9.17 14.05 -15.71
N VAL B 163 8.74 14.17 -16.97
CA VAL B 163 9.31 15.14 -17.90
C VAL B 163 9.01 16.56 -17.42
N LYS B 164 7.71 16.85 -17.21
CA LYS B 164 7.27 18.16 -16.71
C LYS B 164 8.07 18.61 -15.50
N ALA B 165 8.15 17.75 -14.50
CA ALA B 165 8.87 18.05 -13.26
C ALA B 165 10.32 18.41 -13.54
N ALA B 166 10.96 17.62 -14.41
CA ALA B 166 12.36 17.86 -14.77
C ALA B 166 12.55 19.22 -15.43
N GLU B 167 11.66 19.56 -16.36
CA GLU B 167 11.70 20.85 -17.08
C GLU B 167 11.70 22.03 -16.10
N GLU B 168 10.90 21.92 -15.05
CA GLU B 168 10.76 23.00 -14.06
C GLU B 168 11.89 22.98 -13.03
N LEU B 169 12.46 21.81 -12.78
CA LEU B 169 13.56 21.67 -11.83
C LEU B 169 14.91 22.11 -12.41
N LYS B 170 15.06 22.07 -13.73
CA LYS B 170 16.35 22.40 -14.38
C LYS B 170 16.80 23.81 -14.05
N ASP B 171 15.87 24.76 -14.05
CA ASP B 171 16.18 26.17 -13.84
C ASP B 171 16.44 26.47 -12.37
N ILE B 172 15.82 25.69 -11.49
CA ILE B 172 16.07 25.80 -10.06
C ILE B 172 17.43 25.20 -9.72
N ALA B 173 17.73 24.05 -10.31
CA ALA B 173 19.02 23.38 -10.13
C ALA B 173 20.15 24.10 -10.90
N LYS B 174 19.77 24.83 -11.96
CA LYS B 174 20.70 25.58 -12.80
C LYS B 174 21.60 24.60 -13.55
N VAL B 175 20.96 23.74 -14.33
CA VAL B 175 21.63 22.63 -14.98
C VAL B 175 20.99 22.36 -16.35
N ASP B 176 21.82 21.99 -17.32
CA ASP B 176 21.33 21.51 -18.61
C ASP B 176 21.04 20.02 -18.47
N ILE B 177 19.80 19.63 -18.74
CA ILE B 177 19.33 18.26 -18.53
C ILE B 177 20.13 17.24 -19.35
N GLN B 178 20.15 17.43 -20.67
CA GLN B 178 20.80 16.48 -21.57
C GLN B 178 22.31 16.39 -21.32
N LYS B 179 22.92 17.51 -20.94
CA LYS B 179 24.37 17.57 -20.74
C LYS B 179 24.76 16.97 -19.38
N TYR B 180 24.13 17.44 -18.31
CA TYR B 180 24.37 16.88 -16.98
C TYR B 180 23.91 15.43 -16.89
N GLY B 181 22.76 15.14 -17.50
CA GLY B 181 22.18 13.80 -17.48
C GLY B 181 23.11 12.75 -18.06
N LEU B 182 23.66 13.02 -19.24
CA LEU B 182 24.54 12.07 -19.92
C LEU B 182 25.83 11.86 -19.10
N ASP B 183 26.35 12.94 -18.51
CA ASP B 183 27.52 12.85 -17.64
C ASP B 183 27.25 11.97 -16.42
N MET B 184 26.08 12.16 -15.81
CA MET B 184 25.70 11.41 -14.62
C MET B 184 25.56 9.93 -14.94
N LEU B 185 24.83 9.63 -16.01
CA LEU B 185 24.64 8.24 -16.44
C LEU B 185 25.97 7.58 -16.81
N LYS B 186 26.83 8.28 -17.54
CA LYS B 186 28.15 7.75 -17.89
C LYS B 186 28.99 7.42 -16.67
N ALA B 187 28.90 8.25 -15.64
CA ALA B 187 29.65 8.03 -14.39
C ALA B 187 29.32 6.69 -13.71
N GLY B 188 28.13 6.16 -13.95
CA GLY B 188 27.75 4.85 -13.39
C GLY B 188 27.75 3.71 -14.40
N ALA B 189 28.39 3.89 -15.55
CA ALA B 189 28.30 2.93 -16.66
C ALA B 189 29.63 2.24 -16.99
N SER B 190 30.60 2.32 -16.09
CA SER B 190 31.89 1.67 -16.29
C SER B 190 31.83 0.25 -15.72
N THR B 191 31.89 -0.76 -16.59
CA THR B 191 31.62 -2.14 -16.15
C THR B 191 32.79 -3.13 -16.30
N THR B 192 33.60 -3.00 -17.35
CA THR B 192 34.62 -4.01 -17.66
C THR B 192 35.73 -4.08 -16.62
N ASP B 193 35.98 -2.98 -15.93
CA ASP B 193 36.98 -2.93 -14.86
C ASP B 193 36.49 -3.60 -13.57
N LYS B 194 35.19 -3.84 -13.46
CA LYS B 194 34.61 -4.32 -12.22
C LYS B 194 34.33 -5.82 -12.24
N SER B 195 34.52 -6.44 -11.07
CA SER B 195 34.31 -7.87 -10.93
C SER B 195 32.84 -8.23 -11.10
N VAL B 196 32.60 -9.49 -11.42
CA VAL B 196 31.26 -10.04 -11.55
C VAL B 196 30.47 -9.88 -10.25
N GLU B 197 31.14 -10.14 -9.13
CA GLU B 197 30.54 -9.98 -7.80
C GLU B 197 30.10 -8.54 -7.58
N PHE B 198 30.95 -7.58 -7.96
CA PHE B 198 30.61 -6.17 -7.79
C PHE B 198 29.39 -5.81 -8.63
N LEU B 199 29.40 -6.19 -9.91
CA LEU B 199 28.29 -5.86 -10.81
C LEU B 199 26.94 -6.41 -10.34
N LEU B 200 26.94 -7.62 -9.81
CA LEU B 200 25.70 -8.28 -9.39
C LEU B 200 25.18 -7.83 -8.02
N ASN B 201 25.98 -7.06 -7.28
CA ASN B 201 25.54 -6.49 -6.00
C ASN B 201 25.38 -4.97 -6.01
N MET B 202 25.65 -4.35 -7.16
CA MET B 202 25.64 -2.90 -7.28
C MET B 202 24.23 -2.34 -7.08
N ASP B 203 23.30 -2.79 -7.92
CA ASP B 203 21.91 -2.37 -7.87
C ASP B 203 21.03 -3.62 -7.92
N ALA B 204 21.01 -4.35 -6.82
CA ALA B 204 20.34 -5.64 -6.76
C ALA B 204 19.37 -5.72 -5.59
N LYS B 205 18.16 -6.17 -5.88
CA LYS B 205 17.05 -6.21 -4.92
C LYS B 205 16.36 -7.56 -4.98
N SER B 206 15.81 -8.00 -3.85
CA SER B 206 14.98 -9.19 -3.78
C SER B 206 13.50 -8.82 -3.89
N PHE B 207 12.71 -9.74 -4.44
CA PHE B 207 11.29 -9.52 -4.69
C PHE B 207 10.48 -10.72 -4.21
N THR B 208 9.30 -10.45 -3.65
CA THR B 208 8.33 -11.48 -3.29
C THR B 208 7.32 -11.56 -4.42
N MET B 209 7.33 -12.68 -5.13
CA MET B 209 6.48 -12.89 -6.29
C MET B 209 5.71 -14.20 -6.09
N GLY B 210 4.50 -14.08 -5.55
CA GLY B 210 3.69 -15.25 -5.24
C GLY B 210 4.39 -16.13 -4.23
N ASP B 211 4.59 -17.40 -4.59
CA ASP B 211 5.29 -18.35 -3.72
C ASP B 211 6.81 -18.24 -3.84
N TYR B 212 7.29 -17.37 -4.73
CA TYR B 212 8.71 -17.33 -5.06
C TYR B 212 9.44 -16.09 -4.52
N VAL B 213 10.75 -16.24 -4.32
CA VAL B 213 11.65 -15.13 -4.03
C VAL B 213 12.58 -15.00 -5.24
N THR B 214 12.59 -13.82 -5.86
CA THR B 214 13.43 -13.58 -7.03
C THR B 214 14.42 -12.43 -6.77
N ARG B 215 15.61 -12.58 -7.32
CA ARG B 215 16.65 -11.56 -7.23
C ARG B 215 16.80 -10.90 -8.59
N ILE B 216 16.80 -9.57 -8.62
CA ILE B 216 16.99 -8.83 -9.87
C ILE B 216 18.09 -7.79 -9.69
N ALA B 217 19.13 -7.91 -10.51
CA ALA B 217 20.22 -6.95 -10.52
C ALA B 217 20.16 -6.12 -11.79
N GLN B 218 20.46 -4.83 -11.66
CA GLN B 218 20.49 -3.90 -12.78
C GLN B 218 21.92 -3.45 -13.01
N VAL B 219 22.32 -3.38 -14.28
CA VAL B 219 23.63 -2.86 -14.64
C VAL B 219 23.51 -1.96 -15.87
N ASN B 220 23.93 -0.71 -15.71
CA ASN B 220 23.99 0.24 -16.82
C ASN B 220 25.33 0.09 -17.53
N ALA B 221 25.31 0.22 -18.86
CA ALA B 221 26.53 0.10 -19.64
C ALA B 221 26.48 0.99 -20.88
N VAL B 222 27.67 1.28 -21.42
CA VAL B 222 27.80 2.07 -22.64
C VAL B 222 27.36 1.23 -23.82
N ASP B 223 27.58 -0.08 -23.69
CA ASP B 223 27.28 -1.05 -24.74
C ASP B 223 26.84 -2.36 -24.07
N LEU B 224 25.76 -2.96 -24.56
CA LEU B 224 25.23 -4.18 -23.96
C LEU B 224 26.25 -5.32 -23.92
N ASP B 225 27.01 -5.48 -24.99
CA ASP B 225 28.00 -6.58 -25.07
C ASP B 225 29.18 -6.45 -24.11
N GLU B 226 29.51 -5.23 -23.67
CA GLU B 226 30.53 -5.04 -22.63
C GLU B 226 30.28 -5.94 -21.44
N VAL B 227 29.01 -6.03 -21.04
CA VAL B 227 28.60 -6.87 -19.93
C VAL B 227 28.28 -8.29 -20.42
N LEU B 228 27.50 -8.38 -21.50
CA LEU B 228 26.94 -9.67 -21.91
C LEU B 228 27.95 -10.62 -22.55
N ASN B 229 29.10 -10.11 -22.97
CA ASN B 229 30.22 -10.98 -23.35
C ASN B 229 30.78 -11.74 -22.16
N ARG B 230 30.50 -11.27 -20.94
CA ARG B 230 30.91 -11.97 -19.72
C ARG B 230 29.78 -12.88 -19.20
N LYS B 231 28.79 -13.10 -20.05
CA LYS B 231 27.71 -14.09 -19.90
C LYS B 231 27.99 -15.21 -18.89
N GLU B 232 29.03 -16.00 -19.15
CA GLU B 232 29.23 -17.23 -18.40
C GLU B 232 29.76 -16.98 -17.00
N ASP B 233 30.62 -15.98 -16.83
CA ASP B 233 31.07 -15.59 -15.51
C ASP B 233 29.91 -15.02 -14.68
N LEU B 234 29.05 -14.25 -15.34
CA LEU B 234 27.86 -13.70 -14.69
C LEU B 234 26.94 -14.82 -14.17
N GLU B 235 26.54 -15.70 -15.08
CA GLU B 235 25.65 -16.84 -14.76
C GLU B 235 26.12 -17.64 -13.57
N LYS B 236 27.42 -17.87 -13.55
CA LYS B 236 28.09 -18.71 -12.56
C LYS B 236 27.93 -18.13 -11.16
N GLU B 237 28.17 -16.82 -11.04
CA GLU B 237 27.97 -16.13 -9.77
C GLU B 237 26.49 -16.05 -9.43
N MET B 238 25.63 -15.88 -10.43
CA MET B 238 24.18 -15.81 -10.21
C MET B 238 23.62 -17.13 -9.67
N LEU B 239 24.06 -18.25 -10.25
CA LEU B 239 23.68 -19.58 -9.75
C LEU B 239 24.22 -19.84 -8.36
N ALA B 240 25.48 -19.47 -8.13
CA ALA B 240 26.10 -19.66 -6.83
C ALA B 240 25.30 -18.94 -5.75
N VAL B 241 25.02 -17.65 -5.99
CA VAL B 241 24.25 -16.85 -5.04
C VAL B 241 22.83 -17.40 -4.87
N SER B 242 22.20 -17.76 -5.98
CA SER B 242 20.85 -18.35 -5.93
C SER B 242 20.79 -19.57 -5.02
N ALA B 243 21.79 -20.45 -5.15
CA ALA B 243 21.89 -21.62 -4.30
C ALA B 243 22.12 -21.24 -2.84
N GLN B 244 23.03 -20.30 -2.63
CA GLN B 244 23.43 -19.93 -1.28
C GLN B 244 22.36 -19.12 -0.53
N GLU B 245 21.58 -18.33 -1.27
CA GLU B 245 20.50 -17.52 -0.68
C GLU B 245 19.11 -18.11 -0.88
N LYS B 246 19.02 -19.29 -1.50
CA LYS B 246 17.74 -19.94 -1.80
C LYS B 246 16.78 -19.08 -2.62
N TYR B 247 17.29 -18.41 -3.65
CA TYR B 247 16.43 -17.70 -4.60
C TYR B 247 15.85 -18.69 -5.60
N ASP B 248 14.65 -18.40 -6.08
CA ASP B 248 14.00 -19.19 -7.11
C ASP B 248 14.35 -18.71 -8.51
N LEU B 249 14.99 -17.53 -8.58
CA LEU B 249 15.28 -16.87 -9.84
C LEU B 249 16.25 -15.72 -9.60
N PHE B 250 17.18 -15.53 -10.54
CA PHE B 250 18.11 -14.41 -10.50
C PHE B 250 18.12 -13.84 -11.92
N VAL B 251 17.67 -12.60 -12.03
CA VAL B 251 17.62 -11.89 -13.30
C VAL B 251 18.66 -10.78 -13.28
N LEU B 252 19.42 -10.66 -14.37
CA LEU B 252 20.30 -9.52 -14.58
C LEU B 252 19.73 -8.70 -15.74
N VAL B 253 19.39 -7.45 -15.47
CA VAL B 253 18.94 -6.54 -16.52
C VAL B 253 20.12 -5.67 -16.93
N VAL B 254 20.49 -5.73 -18.20
CA VAL B 254 21.55 -4.88 -18.73
C VAL B 254 20.93 -3.82 -19.61
N THR B 255 21.25 -2.55 -19.34
CA THR B 255 20.66 -1.44 -20.07
C THR B 255 21.73 -0.52 -20.67
N ASP B 256 21.56 -0.19 -21.95
CA ASP B 256 22.42 0.73 -22.67
C ASP B 256 21.99 2.15 -22.34
N ILE B 257 22.87 2.94 -21.73
CA ILE B 257 22.51 4.28 -21.26
C ILE B 257 22.22 5.28 -22.38
N ILE B 258 22.72 5.01 -23.58
CA ILE B 258 22.55 5.93 -24.71
C ILE B 258 21.20 5.73 -25.40
N ASN B 259 20.93 4.51 -25.88
CA ASN B 259 19.68 4.22 -26.60
C ASN B 259 18.58 3.60 -25.74
N SER B 260 18.93 3.21 -24.52
CA SER B 260 17.98 2.61 -23.56
C SER B 260 17.50 1.19 -23.94
N ASP B 261 18.22 0.51 -24.82
CA ASP B 261 17.94 -0.89 -25.10
C ASP B 261 18.30 -1.73 -23.87
N SER B 262 17.42 -2.68 -23.53
CA SER B 262 17.66 -3.57 -22.41
C SER B 262 17.58 -5.04 -22.84
N LYS B 263 18.39 -5.86 -22.18
CA LYS B 263 18.30 -7.31 -22.29
C LYS B 263 18.37 -7.92 -20.89
N ILE B 264 17.77 -9.10 -20.73
CA ILE B 264 17.84 -9.81 -19.46
C ILE B 264 18.56 -11.15 -19.59
N LEU B 265 19.43 -11.43 -18.63
CA LEU B 265 20.06 -12.72 -18.46
C LEU B 265 19.41 -13.35 -17.24
N VAL B 266 18.85 -14.56 -17.41
CA VAL B 266 18.01 -15.18 -16.39
C VAL B 266 18.49 -16.57 -16.03
N VAL B 267 18.51 -16.85 -14.74
CA VAL B 267 19.07 -18.07 -14.18
C VAL B 267 18.14 -18.55 -13.07
N GLY B 268 18.17 -19.85 -12.78
CA GLY B 268 17.55 -20.38 -11.58
C GLY B 268 16.38 -21.34 -11.80
N ALA B 269 15.79 -21.78 -10.70
CA ALA B 269 14.77 -22.82 -10.71
C ALA B 269 13.58 -22.51 -11.63
N GLU B 270 13.12 -21.26 -11.65
CA GLU B 270 11.95 -20.90 -12.46
C GLU B 270 12.29 -20.25 -13.80
N LYS B 271 13.52 -20.44 -14.26
CA LYS B 271 14.02 -19.84 -15.49
C LYS B 271 13.14 -20.15 -16.72
N ASP B 272 12.80 -21.41 -16.89
CA ASP B 272 12.00 -21.83 -18.05
C ASP B 272 10.63 -21.17 -18.04
N LYS B 273 10.05 -21.04 -16.85
CA LYS B 273 8.73 -20.46 -16.71
C LYS B 273 8.69 -18.99 -17.14
N VAL B 274 9.74 -18.23 -16.82
CA VAL B 274 9.78 -16.81 -17.21
C VAL B 274 10.26 -16.63 -18.67
N GLY B 275 11.09 -17.55 -19.14
CA GLY B 275 11.48 -17.59 -20.55
C GLY B 275 10.28 -17.58 -21.49
N GLU B 276 9.18 -18.20 -21.05
CA GLU B 276 7.91 -18.20 -21.78
C GLU B 276 7.42 -16.78 -22.09
N ALA B 277 7.61 -15.85 -21.16
CA ALA B 277 7.09 -14.49 -21.27
C ALA B 277 7.94 -13.54 -22.11
N PHE B 278 9.16 -13.94 -22.48
CA PHE B 278 10.06 -13.07 -23.25
C PHE B 278 10.51 -13.71 -24.55
N ASN B 279 11.04 -12.88 -25.44
CA ASN B 279 11.66 -13.35 -26.69
C ASN B 279 13.07 -13.84 -26.38
N VAL B 280 13.22 -15.16 -26.29
CA VAL B 280 14.50 -15.77 -25.93
C VAL B 280 15.40 -15.83 -27.16
N GLN B 281 16.54 -15.17 -27.08
CA GLN B 281 17.50 -15.14 -28.18
C GLN B 281 18.51 -16.28 -28.07
N LEU B 282 18.82 -16.71 -26.85
CA LEU B 282 19.63 -17.91 -26.65
C LEU B 282 19.36 -18.51 -25.28
N GLU B 283 19.51 -19.84 -25.18
CA GLU B 283 19.27 -20.54 -23.93
C GLU B 283 19.99 -21.87 -23.85
N ASP B 284 20.25 -22.32 -22.62
CA ASP B 284 20.80 -23.64 -22.37
C ASP B 284 20.22 -24.13 -21.04
N ASP B 285 20.83 -25.16 -20.43
CA ASP B 285 20.32 -25.72 -19.18
C ASP B 285 20.40 -24.73 -18.02
N MET B 286 21.37 -23.83 -18.09
CA MET B 286 21.66 -22.93 -16.97
C MET B 286 21.01 -21.56 -17.07
N ALA B 287 20.86 -21.03 -18.28
CA ALA B 287 20.35 -19.66 -18.42
C ALA B 287 19.70 -19.40 -19.76
N PHE B 288 18.91 -18.33 -19.82
CA PHE B 288 18.49 -17.78 -21.09
C PHE B 288 18.82 -16.28 -21.16
N LEU B 289 19.09 -15.82 -22.37
CA LEU B 289 19.39 -14.43 -22.64
C LEU B 289 18.34 -13.94 -23.62
N SER B 290 17.63 -12.88 -23.24
CA SER B 290 16.56 -12.34 -24.06
C SER B 290 17.12 -11.53 -25.22
N GLY B 291 16.29 -11.29 -26.23
CA GLY B 291 16.58 -10.28 -27.22
C GLY B 291 16.28 -8.92 -26.60
N VAL B 292 16.40 -7.86 -27.38
CA VAL B 292 16.13 -6.51 -26.88
C VAL B 292 14.68 -6.45 -26.41
N VAL B 293 14.48 -6.11 -25.14
CA VAL B 293 13.18 -6.21 -24.49
C VAL B 293 12.19 -5.20 -25.06
N SER B 294 10.91 -5.57 -25.09
CA SER B 294 9.84 -4.68 -25.52
C SER B 294 9.95 -3.33 -24.83
N ARG B 295 9.93 -2.28 -25.64
CA ARG B 295 10.23 -0.92 -25.17
C ARG B 295 9.12 -0.32 -24.31
N LYS B 296 7.89 -0.85 -24.43
CA LYS B 296 6.76 -0.34 -23.66
C LYS B 296 6.55 -1.08 -22.34
N LYS B 297 6.56 -2.41 -22.37
CA LYS B 297 6.23 -3.21 -21.19
C LYS B 297 7.36 -3.26 -20.15
N GLN B 298 6.96 -3.25 -18.89
CA GLN B 298 7.89 -3.22 -17.77
C GLN B 298 8.36 -4.62 -17.40
N ILE B 299 9.62 -4.73 -17.00
CA ILE B 299 10.27 -6.03 -16.79
C ILE B 299 9.79 -6.73 -15.52
N VAL B 300 9.78 -6.02 -14.40
CA VAL B 300 9.42 -6.62 -13.11
C VAL B 300 7.98 -7.17 -13.09
N PRO B 301 6.99 -6.40 -13.57
CA PRO B 301 5.63 -6.93 -13.68
C PRO B 301 5.53 -8.15 -14.59
N GLN B 302 6.28 -8.15 -15.69
CA GLN B 302 6.24 -9.25 -16.63
C GLN B 302 6.82 -10.52 -16.03
N ILE B 303 7.89 -10.37 -15.25
CA ILE B 303 8.46 -11.50 -14.51
C ILE B 303 7.43 -12.02 -13.50
N THR B 304 6.86 -11.11 -12.71
CA THR B 304 5.88 -11.47 -11.68
C THR B 304 4.69 -12.22 -12.29
N GLU B 305 4.21 -11.73 -13.43
CA GLU B 305 3.06 -12.35 -14.10
C GLU B 305 3.41 -13.77 -14.56
N ALA B 306 4.61 -13.95 -15.09
CA ALA B 306 5.07 -15.26 -15.53
C ALA B 306 5.14 -16.27 -14.39
N LEU B 307 5.53 -15.81 -13.21
CA LEU B 307 5.65 -16.67 -12.02
C LEU B 307 4.31 -16.99 -11.35
N THR B 308 3.25 -16.28 -11.74
CA THR B 308 1.92 -16.51 -11.17
C THR B 308 0.97 -17.04 -12.25
N LYS B 309 0.68 -16.22 -13.25
CA LYS B 309 -0.20 -16.60 -14.36
C LYS B 309 0.58 -16.85 -15.65
#